data_1EU3
#
_entry.id   1EU3
#
_cell.length_a   148.230
_cell.length_b   39.960
_cell.length_c   104.070
_cell.angle_alpha   90.00
_cell.angle_beta   134.05
_cell.angle_gamma   90.00
#
_symmetry.space_group_name_H-M   'C 1 2 1'
#
loop_
_entity.id
_entity.type
_entity.pdbx_description
1 polymer 'SUPERANTIGEN SMEZ-2'
2 non-polymer 'ZINC ION'
3 non-polymer 'POTASSIUM ION'
4 non-polymer 'PHOSPHATE ION'
5 water water
#
_entity_poly.entity_id   1
_entity_poly.type   'polypeptide(L)'
_entity_poly.pdbx_seq_one_letter_code
;GLEVDNNSLLRNIYSTIVYEYSDIVIDFKTSHNLVTKKLDVRDARDFFINSEMDEYAANDFKTGDKIAVFSVPFDWNYLS
KGKVTAYTYGGITPYQKTSIPKNIPVNLWINGKQISVPYNEISTNKTTVTAQEIDLKVRKFLIAQHQLYSSGSSYKSGRL
VFHTNDNSDKYSFDLFYVGYRDKESIFKVYKDNKSFNIDKIGHLDIEIDS
;
_entity_poly.pdbx_strand_id   A,B
#
# COMPACT_ATOMS: atom_id res chain seq x y z
N GLY A 1 -3.75 18.27 1.43
CA GLY A 1 -3.11 17.38 2.43
C GLY A 1 -1.81 16.81 1.92
N LEU A 2 -0.98 16.31 2.83
CA LEU A 2 0.31 15.73 2.47
C LEU A 2 0.19 14.32 1.92
N GLU A 3 1.16 13.92 1.10
CA GLU A 3 1.19 12.61 0.47
C GLU A 3 0.92 11.44 1.43
N VAL A 4 1.67 11.40 2.53
CA VAL A 4 1.51 10.34 3.52
C VAL A 4 0.09 10.28 4.09
N ASP A 5 -0.47 11.44 4.38
CA ASP A 5 -1.81 11.52 4.95
C ASP A 5 -2.89 11.08 3.97
N ASN A 6 -2.73 11.48 2.71
CA ASN A 6 -3.71 11.10 1.69
C ASN A 6 -3.69 9.59 1.50
N ASN A 7 -2.52 8.99 1.63
CA ASN A 7 -2.40 7.54 1.49
C ASN A 7 -3.13 6.82 2.61
N SER A 8 -2.89 7.24 3.85
CA SER A 8 -3.55 6.61 5.00
C SER A 8 -5.06 6.79 4.87
N LEU A 9 -5.48 7.98 4.47
CA LEU A 9 -6.89 8.28 4.30
C LEU A 9 -7.57 7.34 3.29
N LEU A 10 -7.05 7.34 2.07
CA LEU A 10 -7.63 6.51 1.02
C LEU A 10 -7.50 5.01 1.27
N ARG A 11 -6.43 4.59 1.94
CA ARG A 11 -6.25 3.18 2.25
C ARG A 11 -7.40 2.73 3.15
N ASN A 12 -7.71 3.55 4.15
CA ASN A 12 -8.79 3.24 5.09
C ASN A 12 -10.15 3.38 4.41
N ILE A 13 -10.33 4.46 3.64
CA ILE A 13 -11.59 4.69 2.96
C ILE A 13 -11.94 3.53 2.04
N TYR A 14 -10.99 3.11 1.21
CA TYR A 14 -11.26 2.02 0.30
C TYR A 14 -11.13 0.60 0.86
N SER A 15 -11.01 0.50 2.18
CA SER A 15 -10.95 -0.80 2.84
C SER A 15 -12.39 -1.12 3.21
N THR A 16 -13.28 -0.14 3.03
CA THR A 16 -14.70 -0.31 3.35
C THR A 16 -15.28 -1.51 2.61
N ILE A 17 -16.13 -2.26 3.29
CA ILE A 17 -16.75 -3.44 2.70
C ILE A 17 -17.70 -3.03 1.56
N VAL A 18 -17.80 -3.89 0.56
CA VAL A 18 -18.66 -3.65 -0.59
C VAL A 18 -19.92 -4.51 -0.51
N TYR A 19 -21.04 -3.94 -0.97
CA TYR A 19 -22.33 -4.64 -0.97
C TYR A 19 -22.64 -5.10 -2.38
N GLU A 20 -22.94 -6.39 -2.52
CA GLU A 20 -23.27 -6.96 -3.82
C GLU A 20 -24.47 -7.89 -3.72
N TYR A 21 -25.55 -7.49 -4.38
CA TYR A 21 -26.79 -8.26 -4.40
C TYR A 21 -27.30 -8.24 -5.85
N SER A 22 -27.58 -9.41 -6.41
CA SER A 22 -28.00 -9.50 -7.80
C SER A 22 -29.50 -9.38 -8.08
N ASP A 23 -30.32 -9.57 -7.05
CA ASP A 23 -31.76 -9.49 -7.28
C ASP A 23 -32.56 -8.97 -6.09
N ILE A 24 -33.04 -7.74 -6.22
CA ILE A 24 -33.82 -7.11 -5.18
C ILE A 24 -34.80 -6.16 -5.85
N VAL A 25 -35.94 -5.91 -5.20
CA VAL A 25 -36.94 -5.01 -5.76
C VAL A 25 -36.87 -3.65 -5.08
N ILE A 26 -37.13 -2.60 -5.83
CA ILE A 26 -37.11 -1.25 -5.27
C ILE A 26 -38.39 -1.08 -4.48
N ASP A 27 -38.25 -0.78 -3.19
CA ASP A 27 -39.41 -0.60 -2.32
C ASP A 27 -39.96 0.82 -2.49
N PHE A 28 -39.07 1.80 -2.54
CA PHE A 28 -39.45 3.19 -2.70
C PHE A 28 -38.51 3.94 -3.63
N LYS A 29 -39.07 4.78 -4.50
CA LYS A 29 -38.28 5.58 -5.41
C LYS A 29 -38.74 7.03 -5.31
N THR A 30 -37.80 7.93 -5.04
CA THR A 30 -38.09 9.35 -4.93
C THR A 30 -37.18 10.08 -5.92
N SER A 31 -37.32 11.39 -6.03
CA SER A 31 -36.53 12.15 -7.00
C SER A 31 -35.05 11.79 -7.12
N HIS A 32 -34.36 11.63 -5.99
CA HIS A 32 -32.94 11.29 -6.06
C HIS A 32 -32.49 10.16 -5.14
N ASN A 33 -33.42 9.26 -4.81
CA ASN A 33 -33.11 8.11 -3.96
C ASN A 33 -33.91 6.86 -4.33
N LEU A 34 -33.29 5.71 -4.09
CA LEU A 34 -33.92 4.42 -4.31
C LEU A 34 -33.69 3.66 -3.01
N VAL A 35 -34.74 3.02 -2.50
CA VAL A 35 -34.61 2.24 -1.28
C VAL A 35 -35.06 0.84 -1.60
N THR A 36 -34.21 -0.15 -1.34
CA THR A 36 -34.56 -1.54 -1.64
C THR A 36 -35.45 -2.15 -0.59
N LYS A 37 -35.99 -3.32 -0.90
CA LYS A 37 -36.78 -4.08 0.05
C LYS A 37 -35.69 -4.80 0.84
N LYS A 38 -36.08 -5.57 1.85
CA LYS A 38 -35.13 -6.31 2.67
C LYS A 38 -34.17 -7.15 1.82
N LEU A 39 -32.87 -6.97 2.05
CA LEU A 39 -31.81 -7.67 1.32
C LEU A 39 -31.40 -8.96 2.01
N ASP A 40 -31.33 -8.91 3.33
CA ASP A 40 -30.97 -10.06 4.16
C ASP A 40 -30.90 -9.62 5.61
N VAL A 41 -30.21 -10.39 6.43
CA VAL A 41 -30.06 -10.06 7.84
C VAL A 41 -28.60 -9.89 8.20
N ARG A 42 -28.26 -8.72 8.74
CA ARG A 42 -26.90 -8.42 9.15
C ARG A 42 -26.90 -8.04 10.62
N ASP A 43 -26.21 -8.86 11.42
CA ASP A 43 -26.15 -8.64 12.86
C ASP A 43 -27.55 -8.62 13.47
N ALA A 44 -28.36 -9.60 13.10
CA ALA A 44 -29.72 -9.74 13.61
C ALA A 44 -30.76 -8.75 13.07
N ARG A 45 -30.30 -7.70 12.39
CA ARG A 45 -31.22 -6.70 11.85
C ARG A 45 -31.51 -6.93 10.37
N ASP A 46 -32.72 -6.57 9.93
CA ASP A 46 -33.07 -6.70 8.52
C ASP A 46 -32.33 -5.59 7.80
N PHE A 47 -31.62 -5.96 6.75
CA PHE A 47 -30.79 -5.05 5.98
C PHE A 47 -31.43 -4.44 4.73
N PHE A 48 -31.32 -3.12 4.61
CA PHE A 48 -31.86 -2.39 3.46
C PHE A 48 -30.80 -1.43 2.95
N ILE A 49 -30.84 -1.14 1.65
CA ILE A 49 -29.89 -0.20 1.07
C ILE A 49 -30.61 0.98 0.44
N ASN A 50 -30.08 2.17 0.72
CA ASN A 50 -30.59 3.41 0.19
C ASN A 50 -29.54 3.89 -0.79
N SER A 51 -29.94 4.14 -2.03
CA SER A 51 -29.01 4.63 -3.05
C SER A 51 -29.35 6.05 -3.44
N GLU A 52 -28.39 6.95 -3.24
CA GLU A 52 -28.52 8.34 -3.59
C GLU A 52 -27.90 8.52 -4.99
N MET A 53 -28.61 9.19 -5.88
CA MET A 53 -28.07 9.40 -7.23
C MET A 53 -28.66 10.64 -7.87
N ASP A 54 -27.96 11.19 -8.86
CA ASP A 54 -28.44 12.38 -9.55
C ASP A 54 -29.87 12.11 -10.03
N GLU A 55 -30.72 13.13 -9.98
CA GLU A 55 -32.10 12.96 -10.41
C GLU A 55 -32.16 12.39 -11.83
N TYR A 56 -31.25 12.82 -12.69
CA TYR A 56 -31.21 12.34 -14.07
C TYR A 56 -31.07 10.82 -14.11
N ALA A 57 -30.24 10.27 -13.22
CA ALA A 57 -30.01 8.84 -13.19
C ALA A 57 -31.19 8.12 -12.53
N ALA A 58 -31.77 8.74 -11.51
CA ALA A 58 -32.89 8.14 -10.81
C ALA A 58 -34.12 8.04 -11.71
N ASN A 59 -34.20 8.91 -12.72
CA ASN A 59 -35.34 8.90 -13.65
C ASN A 59 -35.48 7.54 -14.34
N ASP A 60 -34.39 6.76 -14.34
CA ASP A 60 -34.37 5.44 -14.96
C ASP A 60 -35.10 4.37 -14.19
N PHE A 61 -35.40 4.63 -12.92
CA PHE A 61 -36.06 3.63 -12.08
C PHE A 61 -37.40 4.05 -11.51
N LYS A 62 -38.18 3.05 -11.13
CA LYS A 62 -39.50 3.26 -10.55
C LYS A 62 -39.74 2.22 -9.47
N THR A 63 -40.61 2.55 -8.52
CA THR A 63 -40.94 1.62 -7.46
C THR A 63 -41.37 0.30 -8.11
N GLY A 64 -40.89 -0.82 -7.56
CA GLY A 64 -41.25 -2.13 -8.11
C GLY A 64 -40.23 -2.76 -9.04
N ASP A 65 -39.36 -1.95 -9.63
CA ASP A 65 -38.34 -2.49 -10.55
C ASP A 65 -37.39 -3.48 -9.89
N LYS A 66 -36.97 -4.49 -10.64
CA LYS A 66 -36.02 -5.47 -10.14
C LYS A 66 -34.64 -4.93 -10.53
N ILE A 67 -33.74 -4.90 -9.55
CA ILE A 67 -32.41 -4.36 -9.80
C ILE A 67 -31.30 -5.17 -9.16
N ALA A 68 -30.06 -4.80 -9.52
CA ALA A 68 -28.88 -5.42 -8.97
C ALA A 68 -28.13 -4.28 -8.30
N VAL A 69 -27.41 -4.59 -7.22
CA VAL A 69 -26.67 -3.60 -6.47
C VAL A 69 -25.21 -3.97 -6.28
N PHE A 70 -24.32 -3.01 -6.53
CA PHE A 70 -22.88 -3.19 -6.31
C PHE A 70 -22.40 -1.79 -5.92
N SER A 71 -22.23 -1.58 -4.61
CA SER A 71 -21.82 -0.26 -4.14
C SER A 71 -21.15 -0.32 -2.79
N VAL A 72 -20.55 0.80 -2.41
CA VAL A 72 -19.86 0.93 -1.13
C VAL A 72 -20.63 1.98 -0.30
N PRO A 73 -20.90 1.68 0.98
CA PRO A 73 -21.63 2.59 1.86
C PRO A 73 -20.80 3.70 2.50
N PHE A 74 -21.47 4.81 2.81
CA PHE A 74 -20.80 5.93 3.48
C PHE A 74 -21.45 6.23 4.83
N ASP A 75 -22.61 5.62 5.11
CA ASP A 75 -23.30 5.82 6.37
C ASP A 75 -24.27 4.68 6.67
N TRP A 76 -24.66 4.55 7.94
CA TRP A 76 -25.58 3.50 8.38
C TRP A 76 -26.54 4.11 9.39
N ASN A 77 -27.76 3.59 9.43
CA ASN A 77 -28.78 4.07 10.34
C ASN A 77 -29.32 2.91 11.17
N TYR A 78 -29.20 3.02 12.49
CA TYR A 78 -29.69 1.98 13.40
C TYR A 78 -30.78 2.50 14.34
N LEU A 79 -31.37 3.64 13.98
CA LEU A 79 -32.40 4.25 14.80
C LEU A 79 -33.75 3.52 14.77
N SER A 80 -33.89 2.54 13.88
CA SER A 80 -35.13 1.77 13.77
C SER A 80 -34.92 0.33 14.24
N LYS A 81 -35.75 -0.09 15.20
CA LYS A 81 -35.68 -1.43 15.77
C LYS A 81 -35.57 -2.56 14.75
N GLY A 82 -34.69 -3.52 15.04
CA GLY A 82 -34.49 -4.66 14.18
C GLY A 82 -34.27 -4.35 12.71
N LYS A 83 -33.83 -3.12 12.42
CA LYS A 83 -33.60 -2.69 11.07
C LYS A 83 -32.31 -1.89 10.93
N VAL A 84 -31.66 -2.00 9.78
CA VAL A 84 -30.44 -1.26 9.52
C VAL A 84 -30.41 -0.88 8.05
N THR A 85 -30.20 0.40 7.78
CA THR A 85 -30.14 0.90 6.42
C THR A 85 -28.75 1.46 6.14
N ALA A 86 -28.14 0.99 5.05
CA ALA A 86 -26.83 1.47 4.65
C ALA A 86 -27.08 2.49 3.55
N TYR A 87 -26.39 3.62 3.60
CA TYR A 87 -26.53 4.65 2.58
C TYR A 87 -25.37 4.58 1.61
N THR A 88 -25.71 4.59 0.33
CA THR A 88 -24.73 4.48 -0.74
C THR A 88 -25.04 5.47 -1.86
N TYR A 89 -24.17 5.48 -2.88
CA TYR A 89 -24.34 6.32 -4.06
C TYR A 89 -24.42 5.40 -5.28
N GLY A 90 -25.40 5.65 -6.14
CA GLY A 90 -25.56 4.86 -7.35
C GLY A 90 -25.39 3.36 -7.16
N GLY A 91 -24.61 2.74 -8.05
CA GLY A 91 -24.37 1.30 -7.96
C GLY A 91 -25.57 0.44 -8.35
N ILE A 92 -26.54 1.03 -9.05
CA ILE A 92 -27.74 0.29 -9.44
C ILE A 92 -27.87 0.01 -10.93
N THR A 93 -28.11 -1.26 -11.27
CA THR A 93 -28.30 -1.67 -12.65
C THR A 93 -29.55 -2.54 -12.75
N PRO A 94 -30.13 -2.64 -13.95
CA PRO A 94 -31.34 -3.46 -14.12
C PRO A 94 -31.07 -4.93 -13.80
N TYR A 95 -32.05 -5.60 -13.21
CA TYR A 95 -31.91 -7.02 -12.88
C TYR A 95 -31.54 -7.82 -14.13
N GLN A 96 -30.65 -8.79 -13.95
CA GLN A 96 -30.19 -9.66 -15.04
C GLN A 96 -30.30 -11.10 -14.58
N LYS A 97 -31.17 -11.86 -15.23
CA LYS A 97 -31.39 -13.25 -14.85
C LYS A 97 -30.15 -14.13 -14.96
N THR A 98 -29.58 -14.20 -16.17
CA THR A 98 -28.42 -15.04 -16.41
C THR A 98 -27.09 -14.30 -16.38
N SER A 99 -26.20 -14.75 -15.49
CA SER A 99 -24.88 -14.16 -15.35
C SER A 99 -24.02 -14.44 -16.58
N ILE A 100 -23.27 -13.44 -17.02
CA ILE A 100 -22.39 -13.58 -18.17
C ILE A 100 -21.01 -13.07 -17.78
N PRO A 101 -20.20 -13.92 -17.14
CA PRO A 101 -18.85 -13.55 -16.71
C PRO A 101 -17.96 -13.13 -17.87
N LYS A 102 -17.36 -11.95 -17.77
CA LYS A 102 -16.47 -11.46 -18.80
C LYS A 102 -15.33 -10.69 -18.17
N ASN A 103 -14.11 -10.92 -18.67
CA ASN A 103 -12.95 -10.21 -18.15
C ASN A 103 -12.78 -8.92 -18.93
N ILE A 104 -12.31 -7.88 -18.24
CA ILE A 104 -12.08 -6.59 -18.87
C ILE A 104 -10.58 -6.37 -18.88
N PRO A 105 -9.97 -6.27 -20.07
CA PRO A 105 -8.53 -6.05 -20.21
C PRO A 105 -8.09 -4.79 -19.49
N VAL A 106 -6.91 -4.84 -18.90
CA VAL A 106 -6.38 -3.69 -18.18
C VAL A 106 -4.96 -3.32 -18.61
N ASN A 107 -4.74 -2.04 -18.90
CA ASN A 107 -3.41 -1.53 -19.25
C ASN A 107 -3.02 -0.68 -18.04
N LEU A 108 -1.85 -0.97 -17.47
CA LEU A 108 -1.37 -0.25 -16.30
C LEU A 108 0.02 0.36 -16.48
N TRP A 109 0.15 1.62 -16.07
CA TRP A 109 1.42 2.33 -16.15
C TRP A 109 1.69 2.90 -14.77
N ILE A 110 2.82 2.53 -14.18
CA ILE A 110 3.20 3.04 -12.86
C ILE A 110 4.47 3.84 -13.08
N ASN A 111 4.38 5.14 -12.78
CA ASN A 111 5.48 6.06 -12.98
C ASN A 111 6.07 5.99 -14.38
N GLY A 112 5.16 5.89 -15.36
CA GLY A 112 5.57 5.86 -16.75
C GLY A 112 5.87 4.52 -17.36
N LYS A 113 6.09 3.51 -16.54
CA LYS A 113 6.42 2.17 -17.05
C LYS A 113 5.22 1.24 -17.07
N GLN A 114 5.00 0.59 -18.21
CA GLN A 114 3.87 -0.32 -18.31
C GLN A 114 4.10 -1.59 -17.50
N ILE A 115 3.06 -1.99 -16.77
CA ILE A 115 3.09 -3.18 -15.92
C ILE A 115 2.00 -4.14 -16.38
N SER A 116 2.35 -5.42 -16.53
CA SER A 116 1.38 -6.41 -16.98
C SER A 116 0.34 -6.69 -15.90
N VAL A 117 -0.91 -6.82 -16.34
CA VAL A 117 -2.02 -7.12 -15.44
C VAL A 117 -2.69 -8.39 -15.99
N PRO A 118 -2.84 -9.42 -15.15
CA PRO A 118 -3.45 -10.69 -15.57
C PRO A 118 -4.81 -10.53 -16.26
N TYR A 119 -5.03 -11.36 -17.27
CA TYR A 119 -6.28 -11.34 -18.04
C TYR A 119 -7.54 -11.37 -17.18
N ASN A 120 -7.50 -12.11 -16.07
CA ASN A 120 -8.66 -12.27 -15.19
C ASN A 120 -8.69 -11.40 -13.94
N GLU A 121 -7.87 -10.36 -13.92
CA GLU A 121 -7.82 -9.50 -12.74
C GLU A 121 -9.15 -8.77 -12.50
N ILE A 122 -9.68 -8.15 -13.55
CA ILE A 122 -10.93 -7.40 -13.44
C ILE A 122 -12.02 -8.06 -14.27
N SER A 123 -13.12 -8.39 -13.63
CA SER A 123 -14.24 -9.04 -14.32
C SER A 123 -15.59 -8.63 -13.73
N THR A 124 -16.65 -8.98 -14.45
CA THR A 124 -18.01 -8.69 -14.01
C THR A 124 -18.92 -9.71 -14.67
N ASN A 125 -20.08 -9.97 -14.07
CA ASN A 125 -21.03 -10.91 -14.64
C ASN A 125 -22.20 -10.16 -15.26
N LYS A 126 -22.10 -8.83 -15.28
CA LYS A 126 -23.16 -7.99 -15.83
C LYS A 126 -22.99 -7.53 -17.28
N THR A 127 -24.12 -7.36 -17.96
CA THR A 127 -24.12 -6.87 -19.33
C THR A 127 -24.14 -5.34 -19.25
N THR A 128 -24.70 -4.82 -18.15
CA THR A 128 -24.73 -3.38 -17.90
C THR A 128 -24.06 -3.26 -16.52
N VAL A 129 -22.84 -2.72 -16.51
CA VAL A 129 -22.07 -2.61 -15.28
C VAL A 129 -21.75 -1.16 -14.91
N THR A 130 -21.79 -0.84 -13.62
CA THR A 130 -21.49 0.53 -13.20
C THR A 130 -19.99 0.79 -13.14
N ALA A 131 -19.61 2.05 -13.36
CA ALA A 131 -18.23 2.46 -13.28
C ALA A 131 -17.77 2.20 -11.84
N GLN A 132 -18.69 2.38 -10.89
CA GLN A 132 -18.38 2.16 -9.47
C GLN A 132 -17.91 0.73 -9.21
N GLU A 133 -18.62 -0.25 -9.76
CA GLU A 133 -18.25 -1.65 -9.56
C GLU A 133 -16.83 -1.91 -10.04
N ILE A 134 -16.52 -1.40 -11.24
CA ILE A 134 -15.21 -1.59 -11.81
C ILE A 134 -14.14 -0.87 -10.98
N ASP A 135 -14.44 0.36 -10.56
CA ASP A 135 -13.50 1.13 -9.75
C ASP A 135 -13.16 0.39 -8.45
N LEU A 136 -14.18 -0.13 -7.78
CA LEU A 136 -13.97 -0.84 -6.53
C LEU A 136 -13.08 -2.07 -6.75
N LYS A 137 -13.32 -2.79 -7.84
CA LYS A 137 -12.53 -3.97 -8.14
C LYS A 137 -11.10 -3.59 -8.48
N VAL A 138 -10.94 -2.49 -9.22
CA VAL A 138 -9.62 -2.00 -9.60
C VAL A 138 -8.81 -1.53 -8.39
N ARG A 139 -9.40 -0.70 -7.54
CA ARG A 139 -8.65 -0.23 -6.38
C ARG A 139 -8.29 -1.36 -5.42
N LYS A 140 -9.18 -2.34 -5.23
CA LYS A 140 -8.88 -3.46 -4.35
C LYS A 140 -7.65 -4.18 -4.91
N PHE A 141 -7.62 -4.34 -6.23
CA PHE A 141 -6.50 -4.99 -6.91
C PHE A 141 -5.22 -4.18 -6.74
N LEU A 142 -5.29 -2.89 -7.02
CA LEU A 142 -4.12 -2.03 -6.92
C LEU A 142 -3.57 -1.94 -5.49
N ILE A 143 -4.47 -1.94 -4.52
CA ILE A 143 -4.04 -1.86 -3.12
C ILE A 143 -3.31 -3.14 -2.72
N ALA A 144 -3.84 -4.28 -3.15
CA ALA A 144 -3.25 -5.56 -2.82
C ALA A 144 -2.01 -5.93 -3.60
N GLN A 145 -1.92 -5.49 -4.85
CA GLN A 145 -0.77 -5.88 -5.68
C GLN A 145 0.21 -4.80 -6.13
N HIS A 146 -0.17 -3.54 -6.05
CA HIS A 146 0.72 -2.48 -6.51
C HIS A 146 0.93 -1.31 -5.57
N GLN A 147 0.90 -1.62 -4.29
CA GLN A 147 1.14 -0.65 -3.22
C GLN A 147 0.30 0.63 -3.23
N LEU A 148 -0.86 0.61 -3.86
CA LEU A 148 -1.70 1.81 -3.89
C LEU A 148 -2.17 2.14 -2.46
N TYR A 149 -1.91 3.38 -2.04
CA TYR A 149 -2.28 3.89 -0.71
C TYR A 149 -1.51 3.22 0.42
N SER A 150 -0.48 2.46 0.11
CA SER A 150 0.28 1.79 1.16
C SER A 150 1.18 2.74 1.93
N SER A 151 1.51 2.36 3.16
CA SER A 151 2.41 3.16 3.97
C SER A 151 3.77 2.92 3.30
N GLY A 152 4.54 3.99 3.13
CA GLY A 152 5.83 3.85 2.50
C GLY A 152 5.74 3.95 0.99
N SER A 153 4.59 4.39 0.48
CA SER A 153 4.40 4.56 -0.96
C SER A 153 4.63 6.01 -1.37
N SER A 154 5.26 6.22 -2.52
CA SER A 154 5.53 7.58 -3.00
C SER A 154 4.48 8.11 -3.99
N TYR A 155 3.47 7.30 -4.31
CA TYR A 155 2.42 7.71 -5.24
C TYR A 155 1.67 8.95 -4.75
N LYS A 156 1.34 9.85 -5.67
CA LYS A 156 0.59 11.05 -5.30
C LYS A 156 -0.50 11.42 -6.32
N SER A 157 -0.54 10.73 -7.46
CA SER A 157 -1.57 11.02 -8.45
C SER A 157 -1.90 9.78 -9.29
N GLY A 158 -3.04 9.79 -9.96
CA GLY A 158 -3.42 8.65 -10.77
C GLY A 158 -4.84 8.75 -11.27
N ARG A 159 -5.17 7.88 -12.22
CA ARG A 159 -6.52 7.87 -12.79
C ARG A 159 -6.86 6.53 -13.39
N LEU A 160 -8.15 6.23 -13.39
CA LEU A 160 -8.68 5.01 -14.00
C LEU A 160 -9.54 5.53 -15.14
N VAL A 161 -9.17 5.18 -16.36
CA VAL A 161 -9.92 5.63 -17.52
C VAL A 161 -10.58 4.46 -18.24
N PHE A 162 -11.86 4.60 -18.54
CA PHE A 162 -12.60 3.56 -19.25
C PHE A 162 -12.46 3.86 -20.73
N HIS A 163 -11.62 3.09 -21.41
CA HIS A 163 -11.41 3.31 -22.83
C HIS A 163 -12.44 2.52 -23.62
N THR A 164 -13.60 3.15 -23.79
CA THR A 164 -14.73 2.57 -24.53
C THR A 164 -14.47 2.64 -26.03
N ASN A 165 -15.14 1.76 -26.77
CA ASN A 165 -14.96 1.73 -28.22
C ASN A 165 -16.03 2.50 -29.01
N ASP A 166 -16.71 3.44 -28.37
CA ASP A 166 -17.74 4.23 -29.05
C ASP A 166 -17.33 5.69 -29.24
N ASN A 167 -18.32 6.54 -29.54
CA ASN A 167 -18.10 7.96 -29.80
C ASN A 167 -18.06 8.85 -28.54
N SER A 168 -18.34 8.29 -27.38
CA SER A 168 -18.35 9.06 -26.14
C SER A 168 -16.95 9.38 -25.61
N ASP A 169 -16.81 10.50 -24.92
CA ASP A 169 -15.53 10.86 -24.33
C ASP A 169 -15.27 9.87 -23.20
N LYS A 170 -14.01 9.58 -22.93
CA LYS A 170 -13.66 8.62 -21.90
C LYS A 170 -13.97 9.05 -20.47
N TYR A 171 -14.73 8.19 -19.79
CA TYR A 171 -15.13 8.41 -18.39
C TYR A 171 -13.95 8.01 -17.51
N SER A 172 -13.78 8.69 -16.38
CA SER A 172 -12.66 8.33 -15.52
C SER A 172 -12.82 8.79 -14.09
N PHE A 173 -12.04 8.17 -13.21
CA PHE A 173 -12.02 8.50 -11.79
C PHE A 173 -10.61 8.94 -11.45
N ASP A 174 -10.50 9.89 -10.52
CA ASP A 174 -9.20 10.38 -10.07
C ASP A 174 -8.87 9.50 -8.85
N LEU A 175 -7.79 8.72 -8.94
CA LEU A 175 -7.41 7.83 -7.85
C LEU A 175 -6.96 8.50 -6.57
N PHE A 176 -6.73 9.81 -6.61
CA PHE A 176 -6.32 10.52 -5.42
C PHE A 176 -7.24 11.68 -5.03
N TYR A 177 -8.52 11.54 -5.37
CA TYR A 177 -9.51 12.54 -4.99
C TYR A 177 -9.76 12.30 -3.50
N VAL A 178 -9.68 13.35 -2.69
CA VAL A 178 -9.90 13.20 -1.26
C VAL A 178 -11.10 13.98 -0.69
N GLY A 179 -11.76 14.76 -1.55
CA GLY A 179 -12.92 15.53 -1.12
C GLY A 179 -12.76 16.22 0.23
N TYR A 180 -13.69 15.97 1.16
CA TYR A 180 -13.61 16.56 2.48
C TYR A 180 -13.02 15.57 3.47
N ARG A 181 -12.31 14.58 2.94
CA ARG A 181 -11.63 13.56 3.73
C ARG A 181 -12.52 12.62 4.54
N ASP A 182 -13.61 12.16 3.91
CA ASP A 182 -14.53 11.21 4.52
C ASP A 182 -15.23 10.40 3.43
N LYS A 183 -15.95 9.37 3.85
CA LYS A 183 -16.64 8.50 2.90
C LYS A 183 -17.75 9.24 2.14
N GLU A 184 -18.52 10.05 2.85
CA GLU A 184 -19.60 10.79 2.21
C GLU A 184 -19.14 11.59 0.98
N SER A 185 -18.02 12.30 1.09
CA SER A 185 -17.53 13.09 -0.04
C SER A 185 -16.75 12.28 -1.07
N ILE A 186 -15.90 11.37 -0.60
CA ILE A 186 -15.08 10.59 -1.53
C ILE A 186 -15.88 9.63 -2.41
N PHE A 187 -16.92 9.00 -1.85
CA PHE A 187 -17.74 8.08 -2.61
C PHE A 187 -18.79 8.80 -3.43
N LYS A 188 -18.92 10.11 -3.22
CA LYS A 188 -19.92 10.89 -3.95
C LYS A 188 -19.67 10.91 -5.45
N VAL A 189 -18.47 10.53 -5.86
CA VAL A 189 -18.14 10.50 -7.29
C VAL A 189 -18.96 9.43 -8.02
N TYR A 190 -19.62 8.56 -7.26
CA TYR A 190 -20.43 7.48 -7.84
C TYR A 190 -21.91 7.86 -7.95
N LYS A 191 -22.24 9.08 -7.55
CA LYS A 191 -23.62 9.55 -7.56
C LYS A 191 -24.31 9.58 -8.94
N ASP A 192 -23.53 9.70 -10.01
CA ASP A 192 -24.13 9.74 -11.35
C ASP A 192 -24.64 8.37 -11.81
N ASN A 193 -24.35 7.33 -11.04
CA ASN A 193 -24.77 5.97 -11.38
C ASN A 193 -24.29 5.59 -12.77
N LYS A 194 -23.15 6.15 -13.18
CA LYS A 194 -22.59 5.87 -14.50
C LYS A 194 -22.44 4.37 -14.76
N SER A 195 -22.88 3.93 -15.93
CA SER A 195 -22.75 2.51 -16.29
C SER A 195 -22.38 2.38 -17.76
N PHE A 196 -21.95 1.18 -18.14
CA PHE A 196 -21.57 0.91 -19.52
C PHE A 196 -22.15 -0.42 -19.98
N ASN A 197 -22.34 -0.52 -21.29
CA ASN A 197 -22.78 -1.76 -21.89
C ASN A 197 -21.43 -2.50 -21.90
N ILE A 198 -21.40 -3.72 -21.39
CA ILE A 198 -20.15 -4.47 -21.31
C ILE A 198 -19.41 -4.56 -22.65
N ASP A 199 -20.15 -4.65 -23.75
CA ASP A 199 -19.52 -4.75 -25.07
C ASP A 199 -18.96 -3.42 -25.58
N LYS A 200 -19.16 -2.35 -24.82
CA LYS A 200 -18.65 -1.05 -25.21
C LYS A 200 -17.35 -0.70 -24.49
N ILE A 201 -17.01 -1.46 -23.46
CA ILE A 201 -15.77 -1.21 -22.74
C ILE A 201 -14.68 -2.04 -23.39
N GLY A 202 -13.77 -1.38 -24.10
CA GLY A 202 -12.68 -2.10 -24.74
C GLY A 202 -11.68 -2.56 -23.71
N HIS A 203 -11.24 -1.62 -22.86
CA HIS A 203 -10.28 -1.94 -21.81
C HIS A 203 -10.18 -0.77 -20.85
N LEU A 204 -9.43 -0.97 -19.77
CA LEU A 204 -9.25 0.07 -18.77
C LEU A 204 -7.80 0.56 -18.85
N ASP A 205 -7.61 1.87 -18.71
CA ASP A 205 -6.27 2.44 -18.73
C ASP A 205 -6.02 3.03 -17.36
N ILE A 206 -5.01 2.53 -16.67
CA ILE A 206 -4.70 3.01 -15.33
C ILE A 206 -3.31 3.62 -15.26
N GLU A 207 -3.23 4.80 -14.64
CA GLU A 207 -1.95 5.48 -14.45
C GLU A 207 -1.82 5.80 -12.97
N ILE A 208 -0.65 5.53 -12.41
CA ILE A 208 -0.37 5.86 -11.02
C ILE A 208 1.02 6.50 -11.08
N ASP A 209 1.17 7.67 -10.48
CA ASP A 209 2.45 8.37 -10.52
C ASP A 209 2.87 9.01 -9.21
N SER A 210 4.18 9.16 -9.04
CA SER A 210 4.74 9.77 -7.83
C SER A 210 5.19 11.19 -8.16
N GLU B 3 15.54 20.47 0.82
CA GLU B 3 14.06 20.58 0.87
C GLU B 3 13.53 20.73 -0.55
N VAL B 4 14.44 20.90 -1.50
CA VAL B 4 14.06 21.11 -2.88
C VAL B 4 14.52 20.07 -3.91
N ASP B 5 15.28 19.08 -3.46
CA ASP B 5 15.76 18.05 -4.38
C ASP B 5 15.62 16.67 -3.74
N ASN B 6 14.81 15.80 -4.34
CA ASN B 6 14.62 14.46 -3.79
C ASN B 6 15.90 13.66 -3.81
N ASN B 7 16.71 13.84 -4.86
CA ASN B 7 17.96 13.11 -4.94
C ASN B 7 18.87 13.53 -3.79
N SER B 8 19.02 14.84 -3.60
CA SER B 8 19.87 15.32 -2.52
C SER B 8 19.34 14.84 -1.18
N LEU B 9 18.02 14.87 -1.01
CA LEU B 9 17.41 14.42 0.24
C LEU B 9 17.74 12.97 0.54
N LEU B 10 17.42 12.08 -0.40
CA LEU B 10 17.68 10.66 -0.21
C LEU B 10 19.17 10.32 -0.15
N ARG B 11 19.99 11.03 -0.91
CA ARG B 11 21.43 10.76 -0.88
C ARG B 11 21.93 11.05 0.53
N ASN B 12 21.49 12.17 1.08
CA ASN B 12 21.89 12.58 2.43
C ASN B 12 21.29 11.64 3.48
N ILE B 13 19.99 11.39 3.38
CA ILE B 13 19.31 10.51 4.33
C ILE B 13 19.96 9.13 4.35
N TYR B 14 20.20 8.55 3.18
CA TYR B 14 20.81 7.22 3.14
C TYR B 14 22.32 7.19 3.22
N SER B 15 22.93 8.33 3.54
CA SER B 15 24.38 8.41 3.72
C SER B 15 24.58 8.35 5.23
N THR B 16 23.48 8.31 5.96
CA THR B 16 23.50 8.25 7.42
C THR B 16 24.25 7.02 7.91
N ILE B 17 25.07 7.20 8.93
CA ILE B 17 25.86 6.10 9.48
C ILE B 17 25.01 4.90 9.87
N VAL B 18 25.53 3.71 9.61
CA VAL B 18 24.81 2.47 9.94
C VAL B 18 25.43 1.82 11.18
N TYR B 19 24.58 1.39 12.10
CA TYR B 19 25.03 0.74 13.33
C TYR B 19 24.92 -0.76 13.16
N GLU B 20 26.06 -1.44 13.27
CA GLU B 20 26.12 -2.89 13.15
C GLU B 20 26.87 -3.47 14.34
N TYR B 21 26.12 -4.14 15.21
CA TYR B 21 26.67 -4.78 16.40
C TYR B 21 26.00 -6.14 16.49
N SER B 22 26.77 -7.21 16.33
CA SER B 22 26.19 -8.54 16.36
C SER B 22 26.25 -9.26 17.70
N ASP B 23 26.71 -8.57 18.74
CA ASP B 23 26.78 -9.20 20.04
C ASP B 23 26.45 -8.22 21.16
N ILE B 24 25.15 -7.98 21.33
CA ILE B 24 24.68 -7.08 22.37
C ILE B 24 23.52 -7.69 23.13
N VAL B 25 23.05 -7.00 24.17
CA VAL B 25 21.97 -7.51 25.01
C VAL B 25 20.89 -6.47 25.26
N ILE B 26 19.66 -6.92 25.45
CA ILE B 26 18.54 -6.04 25.72
C ILE B 26 18.54 -5.70 27.21
N ASP B 27 18.71 -4.42 27.53
CA ASP B 27 18.73 -3.97 28.92
C ASP B 27 17.31 -3.97 29.48
N PHE B 28 16.37 -3.45 28.69
CA PHE B 28 14.97 -3.44 29.09
C PHE B 28 14.07 -3.27 27.88
N LYS B 29 12.82 -3.65 28.04
CA LYS B 29 11.85 -3.58 26.96
C LYS B 29 10.47 -3.13 27.40
N THR B 30 9.78 -2.46 26.48
CA THR B 30 8.42 -1.98 26.71
C THR B 30 7.59 -2.55 25.56
N SER B 31 6.29 -2.29 25.56
CA SER B 31 5.41 -2.82 24.51
C SER B 31 5.96 -2.72 23.09
N HIS B 32 6.59 -1.59 22.74
CA HIS B 32 7.13 -1.43 21.40
C HIS B 32 8.51 -0.78 21.30
N ASN B 33 9.34 -1.00 22.32
CA ASN B 33 10.70 -0.45 22.34
C ASN B 33 11.65 -1.41 23.04
N LEU B 34 12.87 -1.50 22.51
CA LEU B 34 13.90 -2.33 23.11
C LEU B 34 15.08 -1.40 23.33
N VAL B 35 15.69 -1.47 24.51
CA VAL B 35 16.84 -0.62 24.78
C VAL B 35 18.01 -1.53 25.13
N THR B 36 19.14 -1.31 24.45
CA THR B 36 20.31 -2.13 24.66
C THR B 36 21.12 -1.66 25.86
N LYS B 37 22.03 -2.53 26.30
CA LYS B 37 22.93 -2.17 27.39
C LYS B 37 24.02 -1.41 26.64
N LYS B 38 25.00 -0.86 27.35
CA LYS B 38 26.08 -0.13 26.68
C LYS B 38 26.73 -1.06 25.65
N LEU B 39 26.92 -0.57 24.43
CA LEU B 39 27.52 -1.40 23.39
C LEU B 39 28.72 -0.77 22.71
N ASP B 40 29.11 0.42 23.15
CA ASP B 40 30.23 1.13 22.56
C ASP B 40 30.44 2.44 23.31
N VAL B 41 31.49 3.17 22.93
CA VAL B 41 31.79 4.47 23.51
C VAL B 41 31.89 5.44 22.34
N ARG B 42 31.02 6.45 22.32
CA ARG B 42 31.00 7.42 21.24
C ARG B 42 31.26 8.84 21.73
N ASP B 43 32.37 9.42 21.29
CA ASP B 43 32.77 10.77 21.68
C ASP B 43 32.75 10.90 23.20
N ALA B 44 33.42 9.97 23.88
CA ALA B 44 33.49 9.98 25.34
C ALA B 44 32.13 9.83 26.02
N ARG B 45 31.25 9.04 25.41
CA ARG B 45 29.93 8.80 25.97
C ARG B 45 29.54 7.34 25.81
N ASP B 46 28.90 6.79 26.83
CA ASP B 46 28.44 5.41 26.79
C ASP B 46 27.33 5.43 25.74
N PHE B 47 27.46 4.57 24.75
CA PHE B 47 26.51 4.51 23.64
C PHE B 47 25.48 3.40 23.79
N PHE B 48 24.21 3.79 23.65
CA PHE B 48 23.08 2.87 23.76
C PHE B 48 22.17 3.06 22.55
N ILE B 49 21.46 2.00 22.17
CA ILE B 49 20.53 2.08 21.04
C ILE B 49 19.12 1.73 21.49
N ASN B 50 18.17 2.51 21.04
CA ASN B 50 16.76 2.30 21.33
C ASN B 50 16.12 1.94 20.01
N SER B 51 15.51 0.76 19.95
CA SER B 51 14.85 0.32 18.74
C SER B 51 13.34 0.29 18.93
N GLU B 52 12.62 1.07 18.13
CA GLU B 52 11.17 1.10 18.20
C GLU B 52 10.65 0.20 17.10
N MET B 53 9.66 -0.64 17.43
CA MET B 53 9.09 -1.54 16.46
C MET B 53 7.65 -1.87 16.81
N ASP B 54 6.92 -2.45 15.85
CA ASP B 54 5.54 -2.81 16.10
C ASP B 54 5.48 -3.75 17.31
N GLU B 55 4.43 -3.61 18.11
CA GLU B 55 4.28 -4.45 19.29
C GLU B 55 4.40 -5.92 18.91
N TYR B 56 3.77 -6.28 17.80
CA TYR B 56 3.79 -7.65 17.30
C TYR B 56 5.21 -8.17 17.14
N ALA B 57 6.10 -7.31 16.67
CA ALA B 57 7.50 -7.68 16.48
C ALA B 57 8.26 -7.66 17.80
N ALA B 58 7.96 -6.69 18.65
CA ALA B 58 8.63 -6.58 19.95
C ALA B 58 8.37 -7.79 20.83
N ASN B 59 7.23 -8.46 20.63
CA ASN B 59 6.88 -9.64 21.42
C ASN B 59 7.94 -10.73 21.30
N ASP B 60 8.70 -10.71 20.21
CA ASP B 60 9.72 -11.72 19.98
C ASP B 60 10.92 -11.60 20.92
N PHE B 61 11.04 -10.46 21.60
CA PHE B 61 12.18 -10.26 22.49
C PHE B 61 11.83 -9.98 23.94
N LYS B 62 12.83 -10.16 24.81
CA LYS B 62 12.65 -9.91 26.24
C LYS B 62 13.97 -9.48 26.87
N THR B 63 13.86 -8.87 28.04
CA THR B 63 15.04 -8.41 28.76
C THR B 63 16.07 -9.53 28.92
N GLY B 64 17.33 -9.22 28.67
CA GLY B 64 18.37 -10.22 28.80
C GLY B 64 18.71 -10.99 27.54
N ASP B 65 17.85 -10.93 26.54
CA ASP B 65 18.11 -11.64 25.29
C ASP B 65 19.36 -11.09 24.62
N LYS B 66 20.15 -11.98 24.02
CA LYS B 66 21.33 -11.54 23.30
C LYS B 66 20.81 -11.30 21.89
N ILE B 67 21.13 -10.15 21.33
CA ILE B 67 20.66 -9.78 20.01
C ILE B 67 21.74 -9.20 19.11
N ALA B 68 21.37 -8.97 17.86
CA ALA B 68 22.26 -8.38 16.87
C ALA B 68 21.49 -7.19 16.33
N VAL B 69 22.20 -6.12 15.99
CA VAL B 69 21.56 -4.92 15.47
C VAL B 69 22.20 -4.50 14.16
N PHE B 70 21.35 -4.11 13.22
CA PHE B 70 21.81 -3.60 11.93
C PHE B 70 20.74 -2.60 11.57
N SER B 71 21.03 -1.32 11.81
CA SER B 71 20.03 -0.30 11.54
C SER B 71 20.62 1.10 11.38
N VAL B 72 19.75 2.02 10.97
CA VAL B 72 20.14 3.41 10.77
C VAL B 72 19.31 4.28 11.72
N PRO B 73 19.97 5.22 12.42
CA PRO B 73 19.30 6.11 13.38
C PRO B 73 18.56 7.30 12.75
N PHE B 74 17.51 7.76 13.42
CA PHE B 74 16.77 8.91 12.94
C PHE B 74 16.88 10.07 13.94
N ASP B 75 17.50 9.80 15.08
CA ASP B 75 17.68 10.82 16.11
C ASP B 75 18.62 10.37 17.22
N TRP B 76 19.08 11.32 18.02
CA TRP B 76 19.98 11.05 19.12
C TRP B 76 19.58 11.84 20.36
N ASN B 77 19.80 11.23 21.53
CA ASN B 77 19.47 11.86 22.80
C ASN B 77 20.76 12.10 23.58
N TYR B 78 21.16 13.37 23.66
CA TYR B 78 22.37 13.74 24.39
C TYR B 78 22.05 14.47 25.70
N LEU B 79 20.90 14.17 26.27
CA LEU B 79 20.48 14.82 27.52
C LEU B 79 21.16 14.25 28.76
N SER B 80 21.27 12.93 28.83
CA SER B 80 21.92 12.28 29.97
C SER B 80 23.43 12.43 29.80
N LYS B 81 24.05 13.15 30.73
CA LYS B 81 25.49 13.38 30.68
C LYS B 81 26.32 12.09 30.71
N GLY B 82 27.35 12.04 29.88
CA GLY B 82 28.21 10.87 29.85
C GLY B 82 27.71 9.74 28.98
N LYS B 83 26.62 9.98 28.26
CA LYS B 83 26.07 8.95 27.39
C LYS B 83 25.33 9.53 26.21
N VAL B 84 24.99 8.64 25.28
CA VAL B 84 24.26 9.04 24.09
C VAL B 84 23.40 7.85 23.67
N THR B 85 22.13 8.13 23.37
CA THR B 85 21.22 7.08 22.94
C THR B 85 20.75 7.41 21.53
N ALA B 86 20.93 6.45 20.62
CA ALA B 86 20.49 6.64 19.25
C ALA B 86 19.12 5.98 19.11
N TYR B 87 18.22 6.65 18.42
CA TYR B 87 16.88 6.12 18.21
C TYR B 87 16.80 5.53 16.81
N THR B 88 16.28 4.32 16.71
CA THR B 88 16.15 3.62 15.44
C THR B 88 14.81 2.89 15.37
N TYR B 89 14.53 2.34 14.18
CA TYR B 89 13.31 1.58 13.97
C TYR B 89 13.73 0.15 13.59
N GLY B 90 13.25 -0.83 14.34
CA GLY B 90 13.58 -2.22 14.06
C GLY B 90 15.06 -2.53 13.94
N GLY B 91 15.41 -3.43 13.03
CA GLY B 91 16.79 -3.81 12.81
C GLY B 91 17.35 -4.80 13.82
N ILE B 92 16.47 -5.49 14.55
CA ILE B 92 16.87 -6.44 15.57
C ILE B 92 16.62 -7.90 15.25
N THR B 93 17.65 -8.73 15.44
CA THR B 93 17.53 -10.17 15.21
C THR B 93 18.16 -10.93 16.37
N PRO B 94 17.78 -12.20 16.55
CA PRO B 94 18.35 -12.99 17.65
C PRO B 94 19.85 -13.16 17.49
N TYR B 95 20.56 -13.23 18.61
CA TYR B 95 22.00 -13.41 18.59
C TYR B 95 22.38 -14.70 17.85
N GLN B 96 23.46 -14.63 17.08
CA GLN B 96 23.95 -15.78 16.32
C GLN B 96 25.43 -15.92 16.62
N LYS B 97 25.80 -17.02 17.28
CA LYS B 97 27.19 -17.27 17.64
C LYS B 97 28.11 -17.44 16.44
N THR B 98 27.78 -18.38 15.56
CA THR B 98 28.59 -18.64 14.38
C THR B 98 28.12 -17.93 13.13
N SER B 99 28.98 -17.09 12.59
CA SER B 99 28.68 -16.34 11.38
C SER B 99 28.58 -17.30 10.19
N ILE B 100 27.64 -17.03 9.29
CA ILE B 100 27.45 -17.86 8.11
C ILE B 100 27.28 -16.97 6.89
N PRO B 101 28.41 -16.56 6.27
CA PRO B 101 28.37 -15.70 5.08
C PRO B 101 27.57 -16.30 3.93
N LYS B 102 26.61 -15.54 3.43
CA LYS B 102 25.78 -15.99 2.31
C LYS B 102 25.50 -14.82 1.38
N ASN B 103 25.71 -15.06 0.09
CA ASN B 103 25.47 -14.04 -0.92
C ASN B 103 24.04 -14.14 -1.42
N ILE B 104 23.43 -12.99 -1.71
CA ILE B 104 22.06 -12.97 -2.19
C ILE B 104 22.06 -12.46 -3.62
N PRO B 105 21.60 -13.30 -4.57
CA PRO B 105 21.54 -12.93 -6.00
C PRO B 105 20.70 -11.67 -6.22
N VAL B 106 21.19 -10.79 -7.09
CA VAL B 106 20.49 -9.54 -7.39
C VAL B 106 20.15 -9.41 -8.86
N ASN B 107 18.88 -9.11 -9.13
CA ASN B 107 18.39 -8.89 -10.48
C ASN B 107 18.12 -7.40 -10.55
N LEU B 108 18.90 -6.68 -11.37
CA LEU B 108 18.75 -5.23 -11.47
C LEU B 108 18.36 -4.76 -12.87
N TRP B 109 17.31 -3.96 -12.94
CA TRP B 109 16.84 -3.40 -14.20
C TRP B 109 16.77 -1.89 -14.06
N ILE B 110 17.52 -1.18 -14.89
CA ILE B 110 17.52 0.27 -14.85
C ILE B 110 17.00 0.79 -16.18
N ASN B 111 15.90 1.53 -16.13
CA ASN B 111 15.27 2.07 -17.32
C ASN B 111 15.02 0.98 -18.36
N GLY B 112 14.56 -0.17 -17.87
CA GLY B 112 14.23 -1.29 -18.74
C GLY B 112 15.36 -2.21 -19.18
N LYS B 113 16.60 -1.91 -18.80
CA LYS B 113 17.72 -2.75 -19.19
C LYS B 113 18.32 -3.47 -17.99
N GLN B 114 18.46 -4.79 -18.09
CA GLN B 114 19.04 -5.53 -16.99
C GLN B 114 20.55 -5.29 -16.97
N ILE B 115 21.07 -5.06 -15.78
CA ILE B 115 22.48 -4.78 -15.59
C ILE B 115 23.02 -5.85 -14.64
N SER B 116 24.13 -6.47 -14.99
CA SER B 116 24.69 -7.52 -14.15
C SER B 116 25.20 -7.00 -12.82
N VAL B 117 25.05 -7.83 -11.79
CA VAL B 117 25.51 -7.50 -10.45
C VAL B 117 26.35 -8.67 -9.94
N PRO B 118 27.61 -8.42 -9.56
CA PRO B 118 28.51 -9.47 -9.05
C PRO B 118 27.79 -10.36 -8.04
N TYR B 119 28.07 -11.67 -8.11
CA TYR B 119 27.43 -12.64 -7.23
C TYR B 119 27.55 -12.29 -5.74
N ASN B 120 28.65 -11.64 -5.37
CA ASN B 120 28.90 -11.31 -3.97
C ASN B 120 28.70 -9.84 -3.61
N GLU B 121 27.91 -9.12 -4.41
CA GLU B 121 27.68 -7.72 -4.13
C GLU B 121 26.91 -7.53 -2.82
N ILE B 122 25.83 -8.29 -2.66
CA ILE B 122 25.00 -8.22 -1.47
C ILE B 122 25.09 -9.51 -0.69
N SER B 123 25.47 -9.41 0.58
CA SER B 123 25.60 -10.58 1.43
C SER B 123 25.29 -10.26 2.88
N THR B 124 25.10 -11.31 3.67
CA THR B 124 24.84 -11.19 5.10
C THR B 124 25.41 -12.43 5.79
N ASN B 125 25.75 -12.30 7.06
CA ASN B 125 26.30 -13.40 7.84
C ASN B 125 25.22 -14.02 8.73
N LYS B 126 23.99 -13.52 8.60
CA LYS B 126 22.87 -13.98 9.42
C LYS B 126 21.95 -15.02 8.79
N THR B 127 21.44 -15.91 9.64
CA THR B 127 20.49 -16.93 9.19
C THR B 127 19.10 -16.27 9.20
N THR B 128 18.94 -15.27 10.06
CA THR B 128 17.70 -14.50 10.14
C THR B 128 18.16 -13.06 9.95
N VAL B 129 17.81 -12.48 8.81
CA VAL B 129 18.22 -11.12 8.48
C VAL B 129 17.04 -10.19 8.28
N THR B 130 17.19 -8.93 8.69
CA THR B 130 16.11 -7.95 8.52
C THR B 130 16.10 -7.38 7.12
N ALA B 131 14.91 -7.01 6.66
CA ALA B 131 14.77 -6.40 5.36
C ALA B 131 15.56 -5.09 5.39
N GLN B 132 15.58 -4.45 6.56
CA GLN B 132 16.31 -3.20 6.71
C GLN B 132 17.80 -3.36 6.38
N GLU B 133 18.41 -4.43 6.88
CA GLU B 133 19.83 -4.67 6.62
C GLU B 133 20.10 -4.79 5.13
N ILE B 134 19.27 -5.55 4.43
CA ILE B 134 19.45 -5.75 3.00
C ILE B 134 19.20 -4.45 2.24
N ASP B 135 18.18 -3.71 2.64
CA ASP B 135 17.85 -2.44 1.98
C ASP B 135 19.01 -1.46 2.11
N LEU B 136 19.58 -1.35 3.31
CA LEU B 136 20.69 -0.44 3.52
C LEU B 136 21.90 -0.84 2.68
N LYS B 137 22.14 -2.14 2.56
CA LYS B 137 23.27 -2.63 1.77
C LYS B 137 23.00 -2.38 0.29
N VAL B 138 21.77 -2.65 -0.14
CA VAL B 138 21.40 -2.46 -1.54
C VAL B 138 21.51 -1.00 -1.95
N ARG B 139 20.97 -0.09 -1.14
CA ARG B 139 21.04 1.32 -1.49
C ARG B 139 22.47 1.85 -1.48
N LYS B 140 23.29 1.39 -0.54
CA LYS B 140 24.68 1.83 -0.49
C LYS B 140 25.34 1.45 -1.82
N PHE B 141 25.09 0.22 -2.26
CA PHE B 141 25.63 -0.29 -3.52
C PHE B 141 25.14 0.49 -4.73
N LEU B 142 23.83 0.75 -4.77
CA LEU B 142 23.25 1.48 -5.89
C LEU B 142 23.74 2.92 -5.96
N ILE B 143 23.99 3.52 -4.80
CA ILE B 143 24.48 4.89 -4.75
C ILE B 143 25.92 4.94 -5.26
N ALA B 144 26.73 4.00 -4.82
CA ALA B 144 28.13 3.97 -5.22
C ALA B 144 28.39 3.48 -6.64
N GLN B 145 27.55 2.61 -7.15
CA GLN B 145 27.81 2.06 -8.47
C GLN B 145 26.79 2.31 -9.57
N HIS B 146 25.61 2.80 -9.22
CA HIS B 146 24.60 3.04 -10.24
C HIS B 146 23.86 4.36 -10.18
N GLN B 147 24.58 5.41 -9.79
CA GLN B 147 24.05 6.77 -9.72
C GLN B 147 22.78 7.00 -8.91
N LEU B 148 22.40 6.08 -8.03
CA LEU B 148 21.18 6.29 -7.25
C LEU B 148 21.31 7.51 -6.35
N TYR B 149 20.34 8.42 -6.47
CA TYR B 149 20.29 9.66 -5.69
C TYR B 149 21.42 10.63 -6.03
N SER B 150 22.12 10.39 -7.12
CA SER B 150 23.21 11.30 -7.51
C SER B 150 22.64 12.68 -7.91
N SER B 151 23.46 13.71 -7.75
CA SER B 151 23.05 15.09 -8.05
C SER B 151 22.51 15.35 -9.46
N GLY B 152 23.05 14.65 -10.44
CA GLY B 152 22.58 14.83 -11.79
C GLY B 152 21.92 13.57 -12.30
N SER B 153 21.14 12.93 -11.45
CA SER B 153 20.44 11.70 -11.83
C SER B 153 19.03 11.96 -12.34
N SER B 154 18.67 11.29 -13.43
CA SER B 154 17.34 11.42 -14.02
C SER B 154 16.34 10.44 -13.41
N TYR B 155 16.80 9.55 -12.53
CA TYR B 155 15.92 8.57 -11.90
C TYR B 155 14.77 9.24 -11.15
N LYS B 156 13.58 8.64 -11.22
CA LYS B 156 12.41 9.19 -10.52
C LYS B 156 11.62 8.16 -9.73
N SER B 157 11.80 6.88 -10.04
CA SER B 157 11.08 5.83 -9.33
C SER B 157 11.90 4.55 -9.24
N GLY B 158 11.48 3.67 -8.35
CA GLY B 158 12.19 2.41 -8.17
C GLY B 158 11.68 1.62 -6.99
N ARG B 159 12.00 0.34 -6.97
CA ARG B 159 11.56 -0.51 -5.88
C ARG B 159 12.50 -1.68 -5.70
N LEU B 160 12.68 -2.08 -4.45
CA LEU B 160 13.49 -3.24 -4.11
C LEU B 160 12.49 -4.28 -3.65
N VAL B 161 12.44 -5.40 -4.37
CA VAL B 161 11.52 -6.48 -4.03
C VAL B 161 12.26 -7.73 -3.57
N PHE B 162 11.82 -8.30 -2.46
CA PHE B 162 12.45 -9.52 -1.94
C PHE B 162 11.66 -10.68 -2.53
N HIS B 163 12.24 -11.31 -3.55
CA HIS B 163 11.57 -12.42 -4.20
C HIS B 163 11.90 -13.72 -3.46
N THR B 164 11.09 -13.99 -2.45
CA THR B 164 11.24 -15.18 -1.63
C THR B 164 10.84 -16.42 -2.40
N ASN B 165 11.42 -17.56 -2.03
CA ASN B 165 11.14 -18.83 -2.70
C ASN B 165 10.08 -19.68 -2.01
N ASP B 166 9.29 -19.07 -1.12
CA ASP B 166 8.26 -19.81 -0.39
C ASP B 166 6.83 -19.33 -0.63
N ASN B 167 6.60 -18.66 -1.76
CA ASN B 167 5.28 -18.15 -2.11
C ASN B 167 4.64 -17.22 -1.10
N SER B 168 5.45 -16.65 -0.20
CA SER B 168 4.91 -15.72 0.78
C SER B 168 4.67 -14.40 0.06
N ASP B 169 3.87 -13.52 0.66
CA ASP B 169 3.58 -12.23 0.07
C ASP B 169 4.91 -11.53 -0.22
N LYS B 170 5.02 -10.92 -1.40
CA LYS B 170 6.24 -10.23 -1.81
C LYS B 170 6.42 -8.91 -1.07
N TYR B 171 7.44 -8.86 -0.22
CA TYR B 171 7.75 -7.67 0.56
C TYR B 171 8.63 -6.73 -0.27
N SER B 172 8.44 -5.41 -0.11
CA SER B 172 9.25 -4.47 -0.88
C SER B 172 9.36 -3.07 -0.28
N PHE B 173 10.28 -2.28 -0.83
CA PHE B 173 10.50 -0.91 -0.40
C PHE B 173 10.49 -0.01 -1.63
N ASP B 174 9.85 1.16 -1.51
CA ASP B 174 9.80 2.14 -2.59
C ASP B 174 11.11 2.91 -2.44
N LEU B 175 11.99 2.83 -3.43
CA LEU B 175 13.28 3.51 -3.36
C LEU B 175 13.22 5.03 -3.40
N PHE B 176 12.05 5.58 -3.72
CA PHE B 176 11.92 7.03 -3.76
C PHE B 176 10.86 7.56 -2.82
N TYR B 177 10.64 6.86 -1.71
CA TYR B 177 9.69 7.30 -0.72
C TYR B 177 10.39 8.40 0.07
N VAL B 178 9.78 9.58 0.16
CA VAL B 178 10.41 10.69 0.88
C VAL B 178 9.72 11.05 2.20
N GLY B 179 8.64 10.34 2.54
CA GLY B 179 7.91 10.60 3.77
C GLY B 179 7.71 12.08 3.99
N TYR B 180 8.10 12.59 5.15
CA TYR B 180 7.98 14.01 5.45
C TYR B 180 9.34 14.69 5.37
N ARG B 181 10.21 14.13 4.54
CA ARG B 181 11.55 14.65 4.28
C ARG B 181 12.50 14.71 5.48
N ASP B 182 12.41 13.72 6.35
CA ASP B 182 13.33 13.61 7.49
C ASP B 182 13.60 12.14 7.76
N LYS B 183 14.63 11.86 8.55
CA LYS B 183 15.00 10.48 8.85
C LYS B 183 13.92 9.65 9.53
N GLU B 184 13.25 10.21 10.53
CA GLU B 184 12.22 9.47 11.24
C GLU B 184 11.11 8.97 10.33
N SER B 185 10.58 9.82 9.47
CA SER B 185 9.50 9.40 8.58
C SER B 185 9.96 8.45 7.47
N ILE B 186 11.15 8.69 6.93
CA ILE B 186 11.66 7.83 5.86
C ILE B 186 12.07 6.44 6.38
N PHE B 187 12.64 6.40 7.59
CA PHE B 187 13.07 5.14 8.17
C PHE B 187 11.93 4.40 8.88
N LYS B 188 10.76 5.03 8.98
CA LYS B 188 9.64 4.39 9.66
C LYS B 188 9.19 3.12 8.92
N VAL B 189 9.62 2.97 7.67
CA VAL B 189 9.26 1.78 6.91
C VAL B 189 9.89 0.53 7.52
N TYR B 190 10.87 0.72 8.40
CA TYR B 190 11.57 -0.40 9.05
C TYR B 190 10.97 -0.78 10.41
N LYS B 191 9.98 -0.02 10.85
CA LYS B 191 9.34 -0.24 12.15
C LYS B 191 8.72 -1.62 12.34
N ASP B 192 8.42 -2.33 11.25
CA ASP B 192 7.83 -3.66 11.38
C ASP B 192 8.85 -4.74 11.73
N ASN B 193 10.13 -4.37 11.72
CA ASN B 193 11.23 -5.30 12.01
C ASN B 193 11.14 -6.53 11.12
N LYS B 194 10.64 -6.34 9.90
CA LYS B 194 10.50 -7.44 8.95
C LYS B 194 11.83 -8.17 8.78
N SER B 195 11.80 -9.50 8.88
CA SER B 195 13.00 -10.29 8.71
C SER B 195 12.69 -11.53 7.88
N PHE B 196 13.73 -12.18 7.37
CA PHE B 196 13.57 -13.39 6.57
C PHE B 196 14.56 -14.46 7.01
N ASN B 197 14.18 -15.71 6.77
CA ASN B 197 15.07 -16.83 7.04
C ASN B 197 15.89 -16.79 5.75
N ILE B 198 17.21 -16.77 5.89
CA ILE B 198 18.10 -16.69 4.72
C ILE B 198 17.83 -17.72 3.64
N ASP B 199 17.37 -18.91 4.02
CA ASP B 199 17.09 -19.97 3.06
C ASP B 199 15.80 -19.68 2.27
N LYS B 200 15.04 -18.67 2.70
CA LYS B 200 13.79 -18.31 2.04
C LYS B 200 13.92 -17.18 1.02
N ILE B 201 15.06 -16.51 0.98
CA ILE B 201 15.25 -15.42 0.01
C ILE B 201 15.90 -15.96 -1.26
N GLY B 202 15.11 -16.05 -2.33
CA GLY B 202 15.65 -16.54 -3.58
C GLY B 202 16.59 -15.52 -4.20
N HIS B 203 16.10 -14.30 -4.35
CA HIS B 203 16.91 -13.23 -4.92
C HIS B 203 16.19 -11.91 -4.72
N LEU B 204 16.87 -10.83 -5.07
CA LEU B 204 16.31 -9.51 -4.93
C LEU B 204 16.05 -8.95 -6.33
N ASP B 205 14.87 -8.38 -6.52
CA ASP B 205 14.55 -7.78 -7.81
C ASP B 205 14.55 -6.27 -7.60
N ILE B 206 15.38 -5.58 -8.37
CA ILE B 206 15.46 -4.14 -8.25
C ILE B 206 15.16 -3.46 -9.57
N GLU B 207 14.28 -2.45 -9.51
CA GLU B 207 13.94 -1.69 -10.69
C GLU B 207 14.09 -0.21 -10.37
N ILE B 208 14.69 0.52 -11.29
CA ILE B 208 14.89 1.95 -11.15
C ILE B 208 14.55 2.53 -12.53
N ASP B 209 13.77 3.60 -12.55
CA ASP B 209 13.36 4.21 -13.81
C ASP B 209 13.34 5.72 -13.76
N SER B 210 13.52 6.34 -14.92
CA SER B 210 13.50 7.79 -15.04
C SER B 210 12.18 8.21 -15.68
#